data_8ZPA
#
_entry.id   8ZPA
#
_cell.length_a   185.705
_cell.length_b   38.441
_cell.length_c   93.290
_cell.angle_alpha   90.000
_cell.angle_beta   103.920
_cell.angle_gamma   90.000
#
_symmetry.space_group_name_H-M   'C 1 2 1'
#
loop_
_entity.id
_entity.type
_entity.pdbx_description
1 polymer Albumin
2 non-polymer 7-$l^{3}-oxidanyl-12~{H}-[2,1]benzazaborolo[2,1-a][1,3,2]benzodiazaborinine
3 non-polymer 1,2-ETHANEDIOL
4 non-polymer 'PALMITIC ACID'
5 non-polymer 'STEARIC ACID'
#
_entity_poly.entity_id   1
_entity_poly.type   'polypeptide(L)'
_entity_poly.pdbx_seq_one_letter_code
;RGVFRRDAHKSEVAHRFKDLGEENFKALVLIAFAQYLQQCPFEDHVKLVNEVTEFAKTCVADESAENCDKSLHTLFGDKL
CTVATLRETYGEMADCCAKQEPERNECFLQHKDDNPNLPRLVRPEVDVMCTAFHDNEETFLKKYLYEIARRHPYFYAPEL
LFFAKRYKAAFTECCQAADKAACLLPKLDELRDEGKASSAKQRLKCASLQKFGERAFKAWAVARLSQRFPKAEFAEVSKL
VTDLTKVHTECCHGDLLECADDRADLAKYICENQDSISSKLKECCEKPLLEKSHCIAEVENDEMPADLPSLAADFVESKD
VCKNYAEAKDVFLGMFLYEYARRHPDYSVVLLLRLAKTYETTLEKCCAAADPHECYAKVFDEFKPLVEEPQNLIKQNCEL
FEQLGEYKFQNALLVRYTKKVPQVSTPTLVEVSRNLGKVGSKCCKHPEAKRMPCAEDYLSVVLNQLCVLHEKTPVSDRVT
KCCTESLVNRRPCFSALEVDETYVPKEFNAETFTFHADICTLSEKERQIKKQTALVELVKHKPKATKEQLKAVMDDFAAF
VEKCCKADDKETCFAEEGKKLVAASQAALGL
;
_entity_poly.pdbx_strand_id   A
#
# COMPACT_ATOMS: atom_id res chain seq x y z
N LYS A 10 -24.50 -26.75 14.21
CA LYS A 10 -23.71 -25.58 14.61
C LYS A 10 -24.21 -24.33 13.91
N SER A 11 -25.11 -23.59 14.58
CA SER A 11 -25.61 -22.34 14.03
C SER A 11 -24.48 -21.34 13.80
N GLU A 12 -24.17 -21.09 12.53
CA GLU A 12 -22.99 -20.27 12.21
C GLU A 12 -23.22 -18.80 12.51
N VAL A 13 -24.45 -18.30 12.33
CA VAL A 13 -24.73 -16.91 12.65
C VAL A 13 -24.56 -16.65 14.14
N ALA A 14 -24.99 -17.60 14.99
CA ALA A 14 -24.84 -17.42 16.44
C ALA A 14 -23.38 -17.58 16.86
N HIS A 15 -22.66 -18.54 16.27
CA HIS A 15 -21.25 -18.73 16.63
C HIS A 15 -20.41 -17.55 16.19
N ARG A 16 -20.69 -16.98 15.01
CA ARG A 16 -20.01 -15.76 14.59
C ARG A 16 -20.27 -14.63 15.57
N PHE A 17 -21.51 -14.52 16.07
CA PHE A 17 -21.84 -13.46 17.03
C PHE A 17 -21.01 -13.58 18.29
N LYS A 18 -20.79 -14.80 18.78
CA LYS A 18 -19.91 -15.02 19.91
C LYS A 18 -18.45 -14.96 19.47
N ASP A 19 -17.58 -14.79 20.46
CA ASP A 19 -16.12 -14.74 20.26
C ASP A 19 -15.68 -13.54 19.42
N LEU A 20 -16.61 -12.96 18.66
CA LEU A 20 -16.34 -11.77 17.87
C LEU A 20 -16.90 -10.51 18.49
N GLY A 21 -17.95 -10.64 19.30
CA GLY A 21 -18.55 -9.49 19.95
C GLY A 21 -19.65 -8.86 19.11
N GLU A 22 -20.67 -8.33 19.80
CA GLU A 22 -21.79 -7.72 19.11
C GLU A 22 -21.36 -6.46 18.36
N GLU A 23 -20.41 -5.71 18.91
CA GLU A 23 -19.98 -4.48 18.27
C GLU A 23 -19.24 -4.75 16.97
N ASN A 24 -18.30 -5.71 16.99
CA ASN A 24 -17.60 -6.09 15.76
C ASN A 24 -18.54 -6.78 14.78
N PHE A 25 -19.52 -7.54 15.27
CA PHE A 25 -20.51 -8.15 14.40
C PHE A 25 -21.34 -7.10 13.69
N LYS A 26 -21.86 -6.12 14.44
CA LYS A 26 -22.70 -5.07 13.87
C LYS A 26 -21.93 -4.15 12.93
N ALA A 27 -20.60 -4.20 12.94
CA ALA A 27 -19.78 -3.41 12.03
C ALA A 27 -19.38 -4.18 10.79
N LEU A 28 -19.00 -5.46 10.93
CA LEU A 28 -18.66 -6.24 9.76
C LEU A 28 -19.87 -6.49 8.88
N VAL A 29 -21.05 -6.68 9.48
CA VAL A 29 -22.26 -6.85 8.68
C VAL A 29 -22.58 -5.57 7.93
N LEU A 30 -22.27 -4.42 8.52
CA LEU A 30 -22.47 -3.15 7.82
C LEU A 30 -21.49 -3.01 6.65
N ILE A 31 -20.21 -3.28 6.90
CA ILE A 31 -19.21 -3.19 5.84
C ILE A 31 -19.52 -4.17 4.73
N ALA A 32 -19.94 -5.39 5.08
CA ALA A 32 -20.23 -6.41 4.09
C ALA A 32 -21.34 -5.97 3.15
N PHE A 33 -22.50 -5.60 3.70
CA PHE A 33 -23.62 -5.21 2.85
C PHE A 33 -23.34 -3.89 2.14
N ALA A 34 -22.52 -3.01 2.72
CA ALA A 34 -22.19 -1.77 2.04
C ALA A 34 -21.26 -2.01 0.85
N GLN A 35 -20.49 -3.09 0.89
CA GLN A 35 -19.62 -3.41 -0.23
C GLN A 35 -20.37 -3.96 -1.44
N TYR A 36 -21.59 -4.49 -1.22
CA TYR A 36 -22.43 -5.00 -2.30
C TYR A 36 -23.47 -3.99 -2.74
N LEU A 37 -24.22 -3.42 -1.80
CA LEU A 37 -25.29 -2.48 -2.11
C LEU A 37 -24.75 -1.04 -2.00
N GLN A 38 -23.81 -0.73 -2.89
CA GLN A 38 -23.13 0.56 -2.85
C GLN A 38 -24.06 1.72 -3.18
N GLN A 39 -25.19 1.47 -3.81
CA GLN A 39 -26.10 2.54 -4.21
C GLN A 39 -27.17 2.84 -3.16
N CYS A 40 -27.52 1.85 -2.33
CA CYS A 40 -28.59 2.04 -1.37
C CYS A 40 -28.18 3.06 -0.31
N PRO A 41 -29.15 3.78 0.26
CA PRO A 41 -28.81 4.82 1.25
C PRO A 41 -28.38 4.23 2.57
N PHE A 42 -27.81 5.09 3.42
CA PHE A 42 -27.28 4.64 4.71
C PHE A 42 -28.39 4.13 5.62
N GLU A 43 -29.48 4.88 5.74
CA GLU A 43 -30.55 4.47 6.64
C GLU A 43 -31.18 3.15 6.20
N ASP A 44 -31.21 2.89 4.88
CA ASP A 44 -31.68 1.58 4.42
C ASP A 44 -30.74 0.47 4.88
N HIS A 45 -29.43 0.72 4.86
CA HIS A 45 -28.47 -0.26 5.35
C HIS A 45 -28.63 -0.50 6.84
N VAL A 46 -28.96 0.55 7.60
CA VAL A 46 -29.02 0.45 9.05
C VAL A 46 -30.05 -0.58 9.48
N LYS A 47 -31.23 -0.56 8.86
CA LYS A 47 -32.26 -1.53 9.18
C LYS A 47 -31.80 -2.95 8.90
N LEU A 48 -31.13 -3.16 7.76
CA LEU A 48 -30.68 -4.50 7.40
C LEU A 48 -29.66 -5.03 8.41
N VAL A 49 -28.75 -4.17 8.85
CA VAL A 49 -27.81 -4.58 9.90
C VAL A 49 -28.57 -4.84 11.20
N ASN A 50 -29.54 -3.98 11.53
CA ASN A 50 -30.34 -4.20 12.73
C ASN A 50 -31.20 -5.47 12.60
N GLU A 51 -31.72 -5.75 11.40
CA GLU A 51 -32.50 -6.96 11.20
C GLU A 51 -31.62 -8.20 11.28
N VAL A 52 -30.44 -8.18 10.67
CA VAL A 52 -29.53 -9.29 10.79
C VAL A 52 -29.06 -9.45 12.23
N THR A 53 -28.83 -8.33 12.92
CA THR A 53 -28.42 -8.40 14.32
C THR A 53 -29.51 -8.99 15.20
N GLU A 54 -30.76 -8.52 15.02
CA GLU A 54 -31.87 -9.08 15.77
C GLU A 54 -32.04 -10.57 15.48
N PHE A 55 -31.99 -10.94 14.20
CA PHE A 55 -32.12 -12.35 13.84
C PHE A 55 -30.97 -13.17 14.42
N ALA A 56 -29.75 -12.62 14.39
CA ALA A 56 -28.62 -13.32 14.98
C ALA A 56 -28.82 -13.51 16.49
N LYS A 57 -29.41 -12.50 17.15
CA LYS A 57 -29.67 -12.61 18.58
C LYS A 57 -30.69 -13.69 18.88
N THR A 58 -31.63 -13.93 17.97
CA THR A 58 -32.56 -15.04 18.16
C THR A 58 -31.84 -16.38 18.07
N CYS A 59 -30.81 -16.47 17.21
CA CYS A 59 -30.00 -17.68 17.14
C CYS A 59 -29.03 -17.78 18.31
N VAL A 60 -28.67 -16.65 18.92
CA VAL A 60 -27.83 -16.68 20.11
C VAL A 60 -28.62 -17.21 21.31
N ALA A 61 -29.88 -16.81 21.44
CA ALA A 61 -30.70 -17.32 22.53
C ALA A 61 -31.15 -18.75 22.29
N ASP A 62 -31.30 -19.16 21.03
CA ASP A 62 -31.67 -20.53 20.70
C ASP A 62 -31.00 -20.88 19.38
N GLU A 63 -29.97 -21.72 19.44
CA GLU A 63 -29.16 -22.03 18.27
C GLU A 63 -29.95 -22.78 17.20
N SER A 64 -30.95 -23.57 17.60
CA SER A 64 -31.71 -24.36 16.64
C SER A 64 -33.08 -23.74 16.40
N ALA A 65 -33.13 -22.42 16.24
CA ALA A 65 -34.38 -21.71 16.03
C ALA A 65 -34.69 -21.67 14.53
N GLU A 66 -35.58 -20.78 14.11
CA GLU A 66 -35.99 -20.70 12.71
C GLU A 66 -34.90 -20.01 11.88
N ASN A 67 -34.53 -20.64 10.77
CA ASN A 67 -33.55 -20.12 9.81
C ASN A 67 -32.15 -19.97 10.41
N CYS A 68 -31.87 -20.61 11.55
CA CYS A 68 -30.56 -20.53 12.15
C CYS A 68 -29.63 -21.67 11.73
N ASP A 69 -30.12 -22.63 10.97
CA ASP A 69 -29.30 -23.75 10.51
C ASP A 69 -28.60 -23.47 9.20
N LYS A 70 -28.98 -22.40 8.50
CA LYS A 70 -28.31 -22.03 7.26
C LYS A 70 -26.95 -21.41 7.55
N SER A 71 -25.98 -21.70 6.67
CA SER A 71 -24.60 -21.29 6.90
C SER A 71 -24.43 -19.79 6.64
N LEU A 72 -23.17 -19.35 6.61
CA LEU A 72 -22.88 -17.92 6.46
C LEU A 72 -23.28 -17.43 5.07
N HIS A 73 -22.79 -18.09 4.03
CA HIS A 73 -23.09 -17.63 2.67
C HIS A 73 -24.57 -17.69 2.36
N THR A 74 -25.30 -18.65 2.94
CA THR A 74 -26.72 -18.80 2.62
C THR A 74 -27.54 -17.65 3.19
N LEU A 75 -27.44 -17.42 4.51
CA LEU A 75 -28.22 -16.34 5.12
C LEU A 75 -27.77 -14.98 4.61
N PHE A 76 -26.47 -14.82 4.31
CA PHE A 76 -26.00 -13.62 3.62
C PHE A 76 -26.70 -13.47 2.28
N GLY A 77 -26.61 -14.52 1.44
CA GLY A 77 -27.26 -14.46 0.14
C GLY A 77 -28.76 -14.33 0.23
N ASP A 78 -29.38 -14.93 1.25
CA ASP A 78 -30.82 -14.81 1.44
C ASP A 78 -31.22 -13.37 1.74
N LYS A 79 -30.59 -12.76 2.75
CA LYS A 79 -30.94 -11.39 3.11
C LYS A 79 -30.61 -10.41 1.99
N LEU A 80 -29.60 -10.73 1.17
CA LEU A 80 -29.20 -9.80 0.12
C LEU A 80 -30.22 -9.75 -1.02
N CYS A 81 -30.95 -10.84 -1.23
CA CYS A 81 -31.91 -10.93 -2.34
C CYS A 81 -33.31 -10.50 -1.95
N THR A 82 -33.44 -9.47 -1.12
CA THR A 82 -34.75 -9.06 -0.60
C THR A 82 -34.90 -7.55 -0.54
N VAL A 83 -34.16 -6.81 -1.36
CA VAL A 83 -34.04 -5.36 -1.20
C VAL A 83 -34.56 -4.60 -2.42
N ALA A 84 -35.36 -5.25 -3.27
CA ALA A 84 -35.72 -4.71 -4.58
C ALA A 84 -34.47 -4.31 -5.35
N THR A 85 -33.52 -5.26 -5.42
CA THR A 85 -32.24 -5.01 -6.06
C THR A 85 -32.40 -4.70 -7.55
N LEU A 86 -33.39 -5.31 -8.21
CA LEU A 86 -33.59 -5.07 -9.63
C LEU A 86 -34.06 -3.65 -9.86
N ARG A 87 -33.72 -3.13 -11.05
CA ARG A 87 -34.09 -1.79 -11.49
C ARG A 87 -33.39 -0.68 -10.68
N GLU A 88 -32.83 -1.05 -9.53
CA GLU A 88 -32.05 -0.11 -8.73
C GLU A 88 -30.56 -0.42 -8.90
N THR A 89 -30.07 -0.12 -10.10
CA THR A 89 -28.68 -0.30 -10.49
C THR A 89 -28.28 -1.78 -10.58
N TYR A 90 -28.56 -2.55 -9.53
CA TYR A 90 -28.16 -3.96 -9.51
C TYR A 90 -29.21 -4.83 -10.22
N GLY A 91 -29.46 -4.51 -11.48
CA GLY A 91 -30.31 -5.37 -12.30
C GLY A 91 -29.69 -6.73 -12.53
N GLU A 92 -28.42 -6.76 -12.95
CA GLU A 92 -27.74 -8.03 -13.16
C GLU A 92 -27.51 -8.75 -11.85
N MET A 93 -27.23 -8.02 -10.76
CA MET A 93 -26.99 -8.66 -9.48
C MET A 93 -28.26 -9.32 -8.94
N ALA A 94 -29.43 -8.76 -9.24
CA ALA A 94 -30.68 -9.42 -8.85
C ALA A 94 -30.83 -10.77 -9.53
N ASP A 95 -30.28 -10.93 -10.74
CA ASP A 95 -30.37 -12.21 -11.43
C ASP A 95 -29.61 -13.31 -10.70
N CYS A 96 -28.69 -12.95 -9.80
CA CYS A 96 -27.98 -13.95 -9.01
C CYS A 96 -28.93 -14.72 -8.10
N CYS A 97 -30.08 -14.13 -7.75
CA CYS A 97 -30.99 -14.79 -6.83
C CYS A 97 -31.57 -16.07 -7.43
N ALA A 98 -31.62 -16.17 -8.76
CA ALA A 98 -32.11 -17.38 -9.41
C ALA A 98 -31.12 -18.54 -9.35
N LYS A 99 -29.97 -18.36 -8.72
CA LYS A 99 -28.97 -19.40 -8.56
C LYS A 99 -28.93 -19.86 -7.11
N GLN A 100 -28.09 -20.85 -6.84
CA GLN A 100 -27.93 -21.39 -5.50
C GLN A 100 -26.46 -21.62 -5.22
N GLU A 101 -26.13 -21.77 -3.94
CA GLU A 101 -24.74 -21.81 -3.53
C GLU A 101 -24.05 -23.03 -4.13
N PRO A 102 -22.76 -22.92 -4.48
CA PRO A 102 -21.91 -21.72 -4.42
C PRO A 102 -21.96 -20.87 -5.68
N GLU A 103 -23.05 -20.93 -6.45
CA GLU A 103 -23.15 -20.12 -7.66
C GLU A 103 -23.72 -18.74 -7.40
N ARG A 104 -24.70 -18.63 -6.49
CA ARG A 104 -25.31 -17.33 -6.21
C ARG A 104 -24.30 -16.37 -5.59
N ASN A 105 -23.51 -16.85 -4.63
CA ASN A 105 -22.52 -15.97 -4.01
C ASN A 105 -21.37 -15.66 -4.98
N GLU A 106 -20.96 -16.65 -5.77
CA GLU A 106 -20.00 -16.38 -6.82
C GLU A 106 -20.54 -15.36 -7.80
N CYS A 107 -21.85 -15.41 -8.06
CA CYS A 107 -22.49 -14.41 -8.92
C CYS A 107 -22.50 -13.03 -8.28
N PHE A 108 -22.65 -12.98 -6.94
CA PHE A 108 -22.63 -11.70 -6.26
C PHE A 108 -21.27 -11.02 -6.36
N LEU A 109 -20.18 -11.79 -6.23
CA LEU A 109 -18.85 -11.21 -6.32
C LEU A 109 -18.57 -10.61 -7.68
N GLN A 110 -19.09 -11.21 -8.74
CA GLN A 110 -18.83 -10.73 -10.10
C GLN A 110 -19.47 -9.37 -10.38
N HIS A 111 -20.36 -8.89 -9.51
CA HIS A 111 -21.12 -7.68 -9.78
C HIS A 111 -20.80 -6.57 -8.78
N LYS A 112 -19.67 -6.64 -8.08
CA LYS A 112 -19.20 -5.51 -7.30
C LYS A 112 -18.71 -4.41 -8.24
N ASP A 113 -19.20 -3.19 -8.02
CA ASP A 113 -18.97 -2.10 -8.98
C ASP A 113 -17.51 -1.69 -9.00
N ASP A 114 -16.87 -1.59 -7.83
CA ASP A 114 -15.46 -1.20 -7.69
C ASP A 114 -15.21 0.26 -8.08
N ASN A 115 -15.89 0.75 -9.11
CA ASN A 115 -15.77 2.14 -9.56
C ASN A 115 -17.17 2.77 -9.56
N PRO A 116 -17.75 3.01 -8.38
CA PRO A 116 -19.08 3.60 -8.34
C PRO A 116 -19.02 5.10 -8.57
N ASN A 117 -20.03 5.62 -9.27
CA ASN A 117 -20.10 7.05 -9.57
C ASN A 117 -20.61 7.79 -8.34
N LEU A 118 -19.77 7.79 -7.30
CA LEU A 118 -20.09 8.46 -6.05
C LEU A 118 -19.27 9.73 -5.90
N PRO A 119 -19.86 10.78 -5.33
CA PRO A 119 -19.14 12.05 -5.20
C PRO A 119 -18.00 11.95 -4.19
N ARG A 120 -17.04 12.87 -4.33
CA ARG A 120 -15.97 12.98 -3.34
C ARG A 120 -16.57 13.19 -1.97
N LEU A 121 -15.97 12.55 -0.96
CA LEU A 121 -16.63 12.47 0.35
C LEU A 121 -16.72 13.84 1.00
N VAL A 122 -15.62 14.60 1.00
CA VAL A 122 -15.58 15.97 1.50
C VAL A 122 -15.84 15.99 3.01
N ARG A 123 -14.77 16.22 3.78
CA ARG A 123 -14.90 16.23 5.23
C ARG A 123 -15.56 17.53 5.69
N PRO A 124 -16.45 17.47 6.68
CA PRO A 124 -17.06 18.70 7.19
C PRO A 124 -16.07 19.53 8.00
N GLU A 125 -16.55 20.65 8.55
CA GLU A 125 -15.72 21.46 9.41
C GLU A 125 -15.45 20.75 10.74
N VAL A 126 -14.34 21.13 11.38
CA VAL A 126 -13.94 20.48 12.62
C VAL A 126 -15.01 20.65 13.69
N ASP A 127 -15.58 21.85 13.80
CA ASP A 127 -16.66 22.04 14.77
C ASP A 127 -17.89 21.22 14.41
N VAL A 128 -18.14 21.04 13.10
CA VAL A 128 -19.30 20.25 12.68
C VAL A 128 -19.10 18.78 13.01
N MET A 129 -17.89 18.26 12.77
CA MET A 129 -17.62 16.85 13.03
C MET A 129 -17.66 16.55 14.53
N CYS A 130 -16.95 17.36 15.33
CA CYS A 130 -16.92 17.11 16.77
C CYS A 130 -18.29 17.26 17.40
N THR A 131 -19.14 18.14 16.84
CA THR A 131 -20.50 18.24 17.34
C THR A 131 -21.32 17.02 16.95
N ALA A 132 -21.21 16.58 15.70
CA ALA A 132 -21.90 15.38 15.26
C ALA A 132 -21.38 14.15 15.98
N PHE A 133 -20.06 14.09 16.22
CA PHE A 133 -19.48 12.99 16.98
C PHE A 133 -19.97 12.98 18.42
N HIS A 134 -20.32 14.14 18.96
CA HIS A 134 -20.76 14.20 20.35
C HIS A 134 -22.24 13.87 20.48
N ASP A 135 -23.09 14.52 19.67
CA ASP A 135 -24.53 14.37 19.85
C ASP A 135 -25.02 12.99 19.45
N ASN A 136 -24.33 12.33 18.52
CA ASN A 136 -24.73 10.99 18.07
C ASN A 136 -23.46 10.26 17.63
N GLU A 137 -22.73 9.72 18.61
CA GLU A 137 -21.45 9.10 18.31
C GLU A 137 -21.62 7.80 17.52
N GLU A 138 -22.60 6.98 17.88
CA GLU A 138 -22.80 5.71 17.20
C GLU A 138 -23.21 5.92 15.74
N THR A 139 -24.08 6.89 15.48
CA THR A 139 -24.48 7.17 14.10
C THR A 139 -23.35 7.83 13.32
N PHE A 140 -22.57 8.69 13.98
CA PHE A 140 -21.49 9.40 13.29
C PHE A 140 -20.45 8.42 12.76
N LEU A 141 -19.96 7.52 13.63
CA LEU A 141 -18.92 6.58 13.22
C LEU A 141 -19.46 5.53 12.26
N LYS A 142 -20.73 5.14 12.40
CA LYS A 142 -21.30 4.13 11.51
C LYS A 142 -21.44 4.67 10.09
N LYS A 143 -21.80 5.95 9.95
CA LYS A 143 -21.79 6.57 8.63
C LYS A 143 -20.39 6.59 8.03
N TYR A 144 -19.37 6.74 8.87
CA TYR A 144 -17.99 6.72 8.38
C TYR A 144 -17.67 5.37 7.75
N LEU A 145 -18.01 4.27 8.45
CA LEU A 145 -17.78 2.94 7.89
C LEU A 145 -18.61 2.74 6.63
N TYR A 146 -19.86 3.20 6.63
CA TYR A 146 -20.72 3.04 5.47
C TYR A 146 -20.13 3.77 4.26
N GLU A 147 -19.71 5.02 4.43
CA GLU A 147 -19.24 5.81 3.29
C GLU A 147 -17.91 5.30 2.76
N ILE A 148 -17.08 4.71 3.60
CA ILE A 148 -15.80 4.19 3.12
C ILE A 148 -15.96 2.80 2.50
N ALA A 149 -16.84 1.97 3.07
CA ALA A 149 -17.00 0.61 2.56
C ALA A 149 -17.67 0.57 1.20
N ARG A 150 -18.60 1.50 0.94
CA ARG A 150 -19.28 1.54 -0.36
C ARG A 150 -18.40 2.07 -1.47
N ARG A 151 -17.28 2.71 -1.15
CA ARG A 151 -16.35 3.21 -2.15
C ARG A 151 -15.14 2.31 -2.34
N HIS A 152 -14.88 1.40 -1.39
CA HIS A 152 -13.79 0.43 -1.47
C HIS A 152 -14.41 -0.95 -1.29
N PRO A 153 -15.03 -1.49 -2.35
CA PRO A 153 -15.82 -2.72 -2.19
C PRO A 153 -14.98 -3.96 -1.89
N TYR A 154 -13.69 -3.94 -2.19
CA TYR A 154 -12.83 -5.10 -1.98
C TYR A 154 -11.89 -4.91 -0.79
N PHE A 155 -12.03 -3.81 -0.06
CA PHE A 155 -11.21 -3.58 1.13
C PHE A 155 -11.60 -4.60 2.20
N TYR A 156 -10.63 -5.36 2.68
CA TYR A 156 -10.87 -6.40 3.67
C TYR A 156 -11.61 -5.82 4.88
N ALA A 157 -12.78 -6.37 5.16
CA ALA A 157 -13.66 -5.77 6.16
C ALA A 157 -13.02 -5.66 7.54
N PRO A 158 -12.41 -6.70 8.11
CA PRO A 158 -11.74 -6.52 9.40
C PRO A 158 -10.66 -5.45 9.36
N GLU A 159 -9.97 -5.32 8.23
CA GLU A 159 -8.96 -4.27 8.11
C GLU A 159 -9.60 -2.89 8.10
N LEU A 160 -10.73 -2.74 7.41
CA LEU A 160 -11.48 -1.49 7.45
C LEU A 160 -11.98 -1.19 8.86
N LEU A 161 -12.31 -2.23 9.62
CA LEU A 161 -12.73 -2.03 11.01
C LEU A 161 -11.58 -1.55 11.87
N PHE A 162 -10.35 -1.98 11.56
CA PHE A 162 -9.18 -1.53 12.30
C PHE A 162 -8.99 -0.01 12.16
N PHE A 163 -9.29 0.54 10.99
CA PHE A 163 -9.16 1.97 10.79
C PHE A 163 -10.26 2.75 11.51
N ALA A 164 -11.46 2.16 11.64
CA ALA A 164 -12.55 2.85 12.30
C ALA A 164 -12.24 3.11 13.77
N LYS A 165 -11.54 2.17 14.41
CA LYS A 165 -11.13 2.38 15.80
C LYS A 165 -10.15 3.54 15.92
N ARG A 166 -9.17 3.61 15.01
CA ARG A 166 -8.24 4.72 15.03
C ARG A 166 -8.92 6.02 14.64
N TYR A 167 -9.94 5.94 13.79
CA TYR A 167 -10.74 7.12 13.47
C TYR A 167 -11.44 7.66 14.71
N LYS A 168 -12.01 6.76 15.52
CA LYS A 168 -12.67 7.18 16.76
C LYS A 168 -11.66 7.69 17.78
N ALA A 169 -10.44 7.14 17.79
CA ALA A 169 -9.45 7.56 18.77
C ALA A 169 -9.00 8.99 18.53
N ALA A 170 -9.02 9.45 17.28
CA ALA A 170 -8.64 10.83 16.99
C ALA A 170 -9.73 11.81 17.38
N PHE A 171 -10.99 11.38 17.36
CA PHE A 171 -12.08 12.29 17.74
C PHE A 171 -12.21 12.41 19.26
N THR A 172 -12.05 11.31 20.00
CA THR A 172 -12.17 11.39 21.45
C THR A 172 -11.08 12.25 22.07
N GLU A 173 -9.92 12.34 21.43
CA GLU A 173 -8.82 13.13 21.98
C GLU A 173 -8.87 14.58 21.53
N CYS A 174 -9.17 14.83 20.26
CA CYS A 174 -9.05 16.17 19.70
C CYS A 174 -10.28 17.03 19.88
N CYS A 175 -11.46 16.44 20.11
CA CYS A 175 -12.68 17.23 20.22
C CYS A 175 -12.78 17.94 21.56
N GLN A 176 -12.07 17.48 22.58
CA GLN A 176 -12.03 18.11 23.89
C GLN A 176 -10.73 18.86 24.13
N ALA A 177 -10.07 19.29 23.05
CA ALA A 177 -8.75 19.91 23.12
C ALA A 177 -8.85 21.41 22.83
N ALA A 178 -7.69 22.07 22.80
CA ALA A 178 -7.61 23.50 22.57
C ALA A 178 -7.86 23.82 21.10
N ASP A 179 -6.79 23.85 20.31
CA ASP A 179 -6.88 24.02 18.86
C ASP A 179 -7.21 22.66 18.26
N LYS A 180 -8.51 22.38 18.13
CA LYS A 180 -8.95 21.06 17.67
C LYS A 180 -8.46 20.76 16.26
N ALA A 181 -8.53 21.75 15.36
CA ALA A 181 -8.06 21.54 14.00
C ALA A 181 -6.56 21.24 13.94
N ALA A 182 -5.79 21.81 14.87
CA ALA A 182 -4.36 21.49 14.94
C ALA A 182 -4.14 20.08 15.48
N CYS A 183 -5.15 19.49 16.11
CA CYS A 183 -5.09 18.13 16.63
C CYS A 183 -5.71 17.13 15.66
N LEU A 184 -6.95 17.38 15.24
CA LEU A 184 -7.72 16.38 14.50
C LEU A 184 -7.27 16.29 13.05
N LEU A 185 -7.20 17.44 12.37
CA LEU A 185 -6.92 17.43 10.94
C LEU A 185 -5.61 16.74 10.56
N PRO A 186 -4.48 16.94 11.25
CA PRO A 186 -3.28 16.17 10.89
C PRO A 186 -3.44 14.67 11.14
N LYS A 187 -4.20 14.28 12.16
CA LYS A 187 -4.43 12.85 12.39
C LYS A 187 -5.30 12.25 11.29
N LEU A 188 -6.28 13.00 10.80
CA LEU A 188 -7.19 12.46 9.78
C LEU A 188 -6.48 12.28 8.46
N ASP A 189 -5.55 13.18 8.12
CA ASP A 189 -4.82 13.06 6.86
C ASP A 189 -3.89 11.85 6.87
N GLU A 190 -3.14 11.66 7.96
CA GLU A 190 -2.32 10.47 8.10
C GLU A 190 -3.18 9.21 8.10
N LEU A 191 -4.36 9.29 8.71
CA LEU A 191 -5.29 8.16 8.69
C LEU A 191 -5.81 7.91 7.29
N ARG A 192 -6.16 8.97 6.57
CA ARG A 192 -6.66 8.82 5.20
C ARG A 192 -5.55 8.39 4.25
N ASP A 193 -4.33 8.91 4.44
CA ASP A 193 -3.22 8.50 3.60
C ASP A 193 -2.89 7.02 3.81
N GLU A 194 -2.89 6.57 5.06
CA GLU A 194 -2.60 5.16 5.33
C GLU A 194 -3.72 4.26 4.85
N GLY A 195 -4.95 4.78 4.78
CA GLY A 195 -6.04 3.99 4.22
C GLY A 195 -5.89 3.77 2.74
N LYS A 196 -5.43 4.79 2.01
CA LYS A 196 -5.20 4.63 0.57
C LYS A 196 -4.00 3.71 0.31
N ALA A 197 -2.97 3.79 1.16
CA ALA A 197 -1.80 2.93 0.98
C ALA A 197 -2.15 1.46 1.13
N SER A 198 -2.99 1.13 2.13
CA SER A 198 -3.41 -0.24 2.31
C SER A 198 -4.28 -0.72 1.16
N SER A 199 -5.19 0.14 0.68
CA SER A 199 -6.06 -0.23 -0.43
C SER A 199 -5.24 -0.52 -1.69
N ALA A 200 -4.22 0.30 -1.95
CA ALA A 200 -3.36 0.07 -3.12
C ALA A 200 -2.42 -1.10 -2.91
N LYS A 201 -2.03 -1.39 -1.67
CA LYS A 201 -1.16 -2.53 -1.41
C LYS A 201 -1.90 -3.85 -1.62
N GLN A 202 -3.14 -3.93 -1.12
CA GLN A 202 -3.93 -5.16 -1.30
C GLN A 202 -4.18 -5.44 -2.78
N ARG A 203 -4.40 -4.39 -3.57
CA ARG A 203 -4.61 -4.59 -5.00
C ARG A 203 -3.31 -4.94 -5.71
N LEU A 204 -2.22 -4.29 -5.33
CA LEU A 204 -0.93 -4.57 -5.96
C LEU A 204 -0.51 -6.01 -5.75
N LYS A 205 -0.89 -6.61 -4.63
CA LYS A 205 -0.54 -8.00 -4.35
C LYS A 205 -1.44 -8.97 -5.10
N CYS A 206 -2.70 -8.61 -5.33
CA CYS A 206 -3.56 -9.46 -6.16
C CYS A 206 -3.17 -9.37 -7.62
N ALA A 207 -2.81 -8.17 -8.09
CA ALA A 207 -2.35 -8.03 -9.47
C ALA A 207 -0.99 -8.68 -9.67
N SER A 208 -0.12 -8.65 -8.66
CA SER A 208 1.16 -9.34 -8.76
C SER A 208 0.98 -10.85 -8.78
N LEU A 209 -0.09 -11.36 -8.17
CA LEU A 209 -0.34 -12.80 -8.20
C LEU A 209 -0.78 -13.27 -9.58
N GLN A 210 -1.57 -12.46 -10.29
CA GLN A 210 -2.08 -12.87 -11.60
C GLN A 210 -1.11 -12.53 -12.72
N LYS A 211 -0.45 -11.38 -12.66
CA LYS A 211 0.44 -10.98 -13.75
C LYS A 211 1.66 -11.90 -13.85
N PHE A 212 2.40 -12.05 -12.76
CA PHE A 212 3.68 -12.74 -12.81
C PHE A 212 3.62 -14.19 -12.33
N GLY A 213 2.49 -14.65 -11.82
CA GLY A 213 2.36 -16.03 -11.36
C GLY A 213 2.80 -16.22 -9.93
N GLU A 214 2.37 -17.34 -9.35
CA GLU A 214 2.59 -17.59 -7.93
C GLU A 214 3.96 -18.18 -7.63
N ARG A 215 4.71 -18.59 -8.65
CA ARG A 215 6.10 -18.99 -8.41
C ARG A 215 6.92 -17.82 -7.90
N ALA A 216 6.76 -16.65 -8.51
CA ALA A 216 7.45 -15.46 -8.03
C ALA A 216 6.81 -14.89 -6.78
N PHE A 217 5.54 -15.20 -6.53
CA PHE A 217 4.88 -14.71 -5.32
C PHE A 217 5.45 -15.38 -4.08
N LYS A 218 5.80 -16.67 -4.18
CA LYS A 218 6.39 -17.37 -3.05
C LYS A 218 7.79 -16.83 -2.76
N ALA A 219 8.53 -16.47 -3.80
CA ALA A 219 9.87 -15.93 -3.59
C ALA A 219 9.84 -14.66 -2.76
N TRP A 220 8.87 -13.78 -3.04
CA TRP A 220 8.68 -12.60 -2.21
C TRP A 220 8.32 -12.98 -0.78
N ALA A 221 7.57 -14.07 -0.60
CA ALA A 221 7.11 -14.47 0.73
C ALA A 221 8.21 -15.15 1.52
N VAL A 222 9.05 -15.95 0.87
CA VAL A 222 10.15 -16.59 1.56
C VAL A 222 11.10 -15.54 2.14
N ALA A 223 11.43 -14.52 1.34
CA ALA A 223 12.36 -13.49 1.79
C ALA A 223 11.80 -12.71 2.97
N ARG A 224 10.55 -12.24 2.86
CA ARG A 224 9.96 -11.45 3.94
C ARG A 224 9.78 -12.29 5.20
N LEU A 225 9.34 -13.54 5.05
CA LEU A 225 9.13 -14.40 6.21
C LEU A 225 10.45 -14.85 6.83
N SER A 226 11.49 -15.05 6.01
CA SER A 226 12.78 -15.44 6.57
C SER A 226 13.37 -14.29 7.39
N GLN A 227 13.18 -13.05 6.94
CA GLN A 227 13.58 -11.90 7.75
C GLN A 227 12.75 -11.82 9.02
N ARG A 228 11.45 -12.09 8.92
CA ARG A 228 10.55 -11.96 10.07
C ARG A 228 10.84 -13.04 11.11
N PHE A 229 11.14 -14.26 10.66
CA PHE A 229 11.27 -15.42 11.54
C PHE A 229 12.64 -16.06 11.33
N PRO A 230 13.72 -15.38 11.72
CA PRO A 230 15.06 -15.94 11.47
C PRO A 230 15.31 -17.22 12.25
N LYS A 231 14.65 -17.42 13.38
CA LYS A 231 14.84 -18.61 14.21
C LYS A 231 13.96 -19.78 13.76
N ALA A 232 13.43 -19.74 12.54
CA ALA A 232 12.58 -20.81 12.03
C ALA A 232 13.34 -21.61 10.98
N GLU A 233 13.04 -22.90 10.91
CA GLU A 233 13.65 -23.75 9.90
C GLU A 233 13.08 -23.42 8.52
N PHE A 234 13.83 -23.79 7.49
CA PHE A 234 13.37 -23.57 6.12
C PHE A 234 12.06 -24.30 5.84
N ALA A 235 11.88 -25.48 6.45
CA ALA A 235 10.64 -26.22 6.23
C ALA A 235 9.45 -25.48 6.83
N GLU A 236 9.61 -24.89 8.01
CA GLU A 236 8.53 -24.09 8.59
C GLU A 236 8.27 -22.84 7.76
N VAL A 237 9.34 -22.16 7.32
CA VAL A 237 9.17 -20.98 6.48
C VAL A 237 8.50 -21.36 5.16
N SER A 238 8.89 -22.50 4.59
CA SER A 238 8.30 -22.94 3.33
C SER A 238 6.83 -23.30 3.50
N LYS A 239 6.45 -23.86 4.65
CA LYS A 239 5.04 -24.16 4.88
C LYS A 239 4.24 -22.89 5.10
N LEU A 240 4.79 -21.94 5.86
CA LEU A 240 4.11 -20.66 6.06
C LEU A 240 3.93 -19.92 4.74
N VAL A 241 4.92 -20.01 3.85
CA VAL A 241 4.80 -19.37 2.55
C VAL A 241 3.70 -20.03 1.73
N THR A 242 3.59 -21.36 1.80
CA THR A 242 2.56 -22.06 1.05
C THR A 242 1.17 -21.69 1.54
N ASP A 243 0.95 -21.76 2.87
CA ASP A 243 -0.34 -21.37 3.43
C ASP A 243 -0.64 -19.91 3.19
N LEU A 244 0.36 -19.03 3.35
CA LEU A 244 0.15 -17.60 3.12
C LEU A 244 -0.24 -17.32 1.67
N THR A 245 0.39 -18.02 0.73
CA THR A 245 -0.01 -17.88 -0.67
C THR A 245 -1.43 -18.38 -0.90
N LYS A 246 -1.79 -19.51 -0.28
CA LYS A 246 -3.14 -20.02 -0.41
C LYS A 246 -4.16 -19.05 0.16
N VAL A 247 -3.77 -18.27 1.17
CA VAL A 247 -4.68 -17.29 1.74
C VAL A 247 -4.84 -16.10 0.79
N HIS A 248 -3.72 -15.61 0.24
CA HIS A 248 -3.80 -14.50 -0.70
C HIS A 248 -4.53 -14.90 -1.98
N THR A 249 -4.31 -16.12 -2.46
CA THR A 249 -5.04 -16.58 -3.63
C THR A 249 -6.54 -16.58 -3.39
N GLU A 250 -6.96 -16.92 -2.17
CA GLU A 250 -8.38 -16.93 -1.85
C GLU A 250 -8.89 -15.52 -1.58
N CYS A 251 -8.13 -14.72 -0.84
CA CYS A 251 -8.58 -13.37 -0.49
C CYS A 251 -8.63 -12.44 -1.71
N CYS A 252 -7.95 -12.78 -2.79
CA CYS A 252 -8.04 -12.00 -4.01
C CYS A 252 -9.27 -12.35 -4.85
N HIS A 253 -9.97 -13.44 -4.51
CA HIS A 253 -11.22 -13.75 -5.19
C HIS A 253 -12.32 -12.77 -4.79
N GLY A 254 -12.22 -12.17 -3.61
CA GLY A 254 -13.17 -11.19 -3.13
C GLY A 254 -14.04 -11.68 -1.99
N ASP A 255 -14.19 -12.98 -1.81
CA ASP A 255 -15.09 -13.53 -0.80
C ASP A 255 -14.54 -13.23 0.59
N LEU A 256 -15.23 -12.37 1.34
CA LEU A 256 -14.76 -12.00 2.67
C LEU A 256 -14.80 -13.18 3.63
N LEU A 257 -15.88 -13.95 3.62
CA LEU A 257 -16.04 -15.03 4.59
C LEU A 257 -14.98 -16.12 4.38
N GLU A 258 -14.77 -16.53 3.14
CA GLU A 258 -13.76 -17.55 2.86
C GLU A 258 -12.36 -17.01 3.10
N CYS A 259 -12.14 -15.72 2.84
CA CYS A 259 -10.85 -15.11 3.11
C CYS A 259 -10.57 -15.03 4.60
N ALA A 260 -11.60 -14.73 5.40
CA ALA A 260 -11.40 -14.59 6.84
C ALA A 260 -11.07 -15.92 7.50
N ASP A 261 -11.72 -17.01 7.06
CA ASP A 261 -11.51 -18.31 7.69
C ASP A 261 -10.10 -18.82 7.42
N ASP A 262 -9.64 -18.73 6.18
CA ASP A 262 -8.26 -19.13 5.89
C ASP A 262 -7.27 -18.20 6.59
N ARG A 263 -7.65 -16.94 6.78
CA ARG A 263 -6.79 -16.00 7.48
C ARG A 263 -6.72 -16.30 8.97
N ALA A 264 -7.76 -16.92 9.54
CA ALA A 264 -7.74 -17.26 10.96
C ALA A 264 -7.06 -18.59 11.22
N ASP A 265 -7.10 -19.51 10.26
CA ASP A 265 -6.40 -20.78 10.41
C ASP A 265 -4.89 -20.61 10.36
N LEU A 266 -4.41 -19.63 9.59
CA LEU A 266 -2.97 -19.37 9.53
C LEU A 266 -2.47 -18.75 10.83
N ALA A 267 -3.28 -17.88 11.44
CA ALA A 267 -2.90 -17.31 12.72
C ALA A 267 -2.96 -18.35 13.83
N LYS A 268 -3.94 -19.26 13.77
CA LYS A 268 -4.03 -20.31 14.77
C LYS A 268 -2.84 -21.24 14.70
N TYR A 269 -2.44 -21.64 13.48
CA TYR A 269 -1.27 -22.50 13.34
C TYR A 269 0.00 -21.80 13.83
N ILE A 270 0.14 -20.52 13.52
CA ILE A 270 1.34 -19.79 13.93
C ILE A 270 1.39 -19.66 15.45
N CYS A 271 0.25 -19.43 16.10
CA CYS A 271 0.23 -19.32 17.55
C CYS A 271 0.45 -20.66 18.23
N GLU A 272 0.13 -21.77 17.58
CA GLU A 272 0.39 -23.09 18.14
C GLU A 272 1.84 -23.52 17.96
N ASN A 273 2.62 -22.82 17.13
CA ASN A 273 3.99 -23.22 16.81
C ASN A 273 4.94 -22.04 16.98
N GLN A 274 4.68 -21.19 17.97
CA GLN A 274 5.53 -20.02 18.19
C GLN A 274 6.97 -20.42 18.46
N ASP A 275 7.19 -21.56 19.13
CA ASP A 275 8.54 -21.97 19.49
C ASP A 275 9.38 -22.35 18.28
N SER A 276 8.76 -22.58 17.13
CA SER A 276 9.48 -22.88 15.90
C SER A 276 9.31 -21.81 14.84
N ILE A 277 8.79 -20.63 15.21
CA ILE A 277 8.57 -19.54 14.28
C ILE A 277 9.27 -18.27 14.78
N SER A 278 8.78 -17.69 15.86
CA SER A 278 9.33 -16.44 16.35
C SER A 278 9.10 -16.32 17.85
N SER A 279 9.98 -15.59 18.52
CA SER A 279 9.87 -15.33 19.95
C SER A 279 9.08 -14.07 20.25
N LYS A 280 8.70 -13.30 19.23
CA LYS A 280 8.00 -12.02 19.40
C LYS A 280 6.53 -12.12 19.05
N LEU A 281 5.91 -13.28 19.30
CA LEU A 281 4.50 -13.52 19.02
C LEU A 281 3.71 -13.78 20.30
N LYS A 282 4.22 -13.32 21.43
CA LYS A 282 3.52 -13.54 22.71
C LYS A 282 2.28 -12.66 22.80
N GLU A 283 2.48 -11.35 23.02
CA GLU A 283 1.35 -10.43 23.13
C GLU A 283 0.55 -10.36 21.84
N CYS A 284 1.16 -10.72 20.71
CA CYS A 284 0.44 -10.75 19.45
C CYS A 284 -0.61 -11.85 19.43
N CYS A 285 -0.27 -13.03 19.94
CA CYS A 285 -1.15 -14.19 19.89
C CYS A 285 -2.17 -14.22 21.02
N GLU A 286 -2.09 -13.30 21.97
CA GLU A 286 -3.08 -13.22 23.03
C GLU A 286 -4.19 -12.23 22.71
N LYS A 287 -4.20 -11.67 21.51
CA LYS A 287 -5.24 -10.75 21.08
C LYS A 287 -6.45 -11.52 20.56
N PRO A 288 -7.61 -10.86 20.46
CA PRO A 288 -8.80 -11.55 19.92
C PRO A 288 -8.63 -11.98 18.47
N LEU A 289 -9.69 -12.54 17.89
CA LEU A 289 -9.60 -13.13 16.55
C LEU A 289 -9.24 -12.09 15.51
N LEU A 290 -9.88 -10.92 15.56
CA LEU A 290 -9.64 -9.90 14.54
C LEU A 290 -8.20 -9.41 14.58
N GLU A 291 -7.71 -9.07 15.77
CA GLU A 291 -6.39 -8.48 15.89
C GLU A 291 -5.27 -9.50 15.76
N LYS A 292 -5.56 -10.79 16.01
CA LYS A 292 -4.50 -11.79 16.02
C LYS A 292 -3.86 -11.92 14.63
N SER A 293 -4.68 -12.16 13.61
CA SER A 293 -4.15 -12.22 12.26
C SER A 293 -3.55 -10.88 11.83
N HIS A 294 -4.13 -9.77 12.28
CA HIS A 294 -3.68 -8.46 11.85
C HIS A 294 -2.34 -8.09 12.50
N CYS A 295 -2.20 -8.33 13.80
CA CYS A 295 -0.96 -7.98 14.49
C CYS A 295 0.21 -8.81 13.96
N ILE A 296 -0.03 -10.09 13.66
CA ILE A 296 1.06 -10.95 13.19
C ILE A 296 1.59 -10.48 11.84
N ALA A 297 0.72 -9.92 10.99
CA ALA A 297 1.18 -9.41 9.70
C ALA A 297 2.19 -8.29 9.87
N GLU A 298 2.03 -7.46 10.91
CA GLU A 298 2.95 -6.35 11.14
C GLU A 298 3.79 -6.59 12.39
N VAL A 299 4.34 -7.79 12.52
CA VAL A 299 5.15 -8.16 13.67
C VAL A 299 6.59 -7.74 13.44
N GLU A 300 7.27 -7.37 14.52
CA GLU A 300 8.68 -7.02 14.42
C GLU A 300 9.52 -8.26 14.14
N ASN A 301 10.63 -8.06 13.43
CA ASN A 301 11.53 -9.16 13.13
C ASN A 301 12.07 -9.77 14.41
N ASP A 302 12.08 -11.10 14.48
CA ASP A 302 12.65 -11.78 15.62
C ASP A 302 14.16 -11.57 15.63
N GLU A 303 14.75 -11.75 16.81
CA GLU A 303 16.19 -11.60 16.96
C GLU A 303 16.92 -12.62 16.09
N MET A 304 17.91 -12.16 15.34
CA MET A 304 18.68 -13.04 14.48
C MET A 304 19.47 -14.02 15.34
N PRO A 305 19.48 -15.31 14.99
CA PRO A 305 20.25 -16.28 15.79
C PRO A 305 21.73 -15.92 15.80
N ALA A 306 22.29 -15.86 17.01
CA ALA A 306 23.70 -15.52 17.16
C ALA A 306 24.57 -16.64 16.60
N ASP A 307 25.75 -16.26 16.10
CA ASP A 307 26.73 -17.18 15.54
C ASP A 307 26.11 -18.03 14.42
N LEU A 308 25.74 -17.32 13.35
CA LEU A 308 25.30 -18.00 12.14
C LEU A 308 26.46 -18.11 11.16
N PRO A 309 26.74 -19.29 10.62
CA PRO A 309 27.86 -19.45 9.70
C PRO A 309 27.63 -18.70 8.40
N SER A 310 28.66 -18.69 7.56
CA SER A 310 28.57 -18.02 6.28
C SER A 310 27.85 -18.90 5.27
N LEU A 311 27.33 -18.26 4.22
CA LEU A 311 26.72 -18.96 3.10
C LEU A 311 27.76 -19.44 2.09
N ALA A 312 29.04 -19.33 2.42
CA ALA A 312 30.07 -19.80 1.50
C ALA A 312 30.13 -21.33 1.46
N ALA A 313 29.70 -21.99 2.53
CA ALA A 313 29.88 -23.44 2.62
C ALA A 313 28.96 -24.18 1.67
N ASP A 314 27.67 -23.87 1.70
CA ASP A 314 26.65 -24.71 1.08
C ASP A 314 26.25 -24.25 -0.33
N PHE A 315 26.60 -23.03 -0.75
CA PHE A 315 26.01 -22.44 -1.94
C PHE A 315 27.01 -21.96 -2.98
N VAL A 316 28.31 -21.97 -2.69
CA VAL A 316 29.30 -21.49 -3.65
C VAL A 316 30.54 -22.37 -3.59
N GLU A 317 30.92 -22.83 -2.40
CA GLU A 317 31.98 -23.82 -2.31
C GLU A 317 31.40 -25.22 -2.42
N SER A 318 30.90 -25.75 -1.31
CA SER A 318 30.29 -27.08 -1.26
C SER A 318 31.28 -28.11 -1.78
N LYS A 319 30.77 -29.20 -2.33
CA LYS A 319 31.56 -30.13 -3.12
C LYS A 319 30.91 -30.25 -4.50
N ASP A 320 29.60 -30.48 -4.49
CA ASP A 320 28.78 -30.49 -5.70
C ASP A 320 27.45 -29.86 -5.35
N VAL A 321 27.12 -28.74 -6.00
CA VAL A 321 25.86 -28.05 -5.78
C VAL A 321 24.99 -27.97 -7.02
N CYS A 322 25.53 -28.30 -8.20
CA CYS A 322 24.74 -28.27 -9.42
C CYS A 322 23.71 -29.39 -9.43
N LYS A 323 24.07 -30.56 -8.90
CA LYS A 323 23.11 -31.65 -8.78
C LYS A 323 21.95 -31.27 -7.88
N ASN A 324 22.24 -30.60 -6.77
CA ASN A 324 21.18 -30.19 -5.85
C ASN A 324 20.25 -29.17 -6.48
N TYR A 325 20.80 -28.28 -7.32
CA TYR A 325 19.98 -27.25 -7.94
C TYR A 325 19.14 -27.79 -9.09
N ALA A 326 19.61 -28.84 -9.78
CA ALA A 326 18.92 -29.32 -10.97
C ALA A 326 17.65 -30.08 -10.62
N GLU A 327 17.69 -30.91 -9.58
CA GLU A 327 16.52 -31.72 -9.22
C GLU A 327 15.35 -30.84 -8.78
N ALA A 328 15.65 -29.73 -8.10
CA ALA A 328 14.62 -28.79 -7.64
C ALA A 328 15.18 -27.37 -7.88
N LYS A 329 14.90 -26.83 -9.06
CA LYS A 329 15.37 -25.50 -9.45
C LYS A 329 14.57 -24.38 -8.80
N ASP A 330 13.79 -24.68 -7.76
CA ASP A 330 13.07 -23.67 -7.01
C ASP A 330 13.29 -23.84 -5.52
N VAL A 331 13.47 -25.10 -5.07
CA VAL A 331 13.70 -25.35 -3.66
C VAL A 331 15.10 -24.93 -3.26
N PHE A 332 16.10 -25.31 -4.06
CA PHE A 332 17.47 -24.92 -3.76
C PHE A 332 17.65 -23.41 -3.85
N LEU A 333 16.99 -22.77 -4.81
CA LEU A 333 16.99 -21.31 -4.86
C LEU A 333 16.23 -20.72 -3.68
N GLY A 334 15.22 -21.43 -3.17
CA GLY A 334 14.50 -20.96 -2.00
C GLY A 334 15.28 -21.15 -0.72
N MET A 335 16.13 -22.19 -0.67
CA MET A 335 16.99 -22.36 0.49
C MET A 335 18.06 -21.28 0.55
N PHE A 336 18.64 -20.92 -0.60
CA PHE A 336 19.60 -19.83 -0.64
C PHE A 336 18.94 -18.50 -0.26
N LEU A 337 17.71 -18.28 -0.74
CA LEU A 337 17.00 -17.05 -0.40
C LEU A 337 16.66 -16.99 1.09
N TYR A 338 16.28 -18.14 1.67
CA TYR A 338 15.95 -18.17 3.09
C TYR A 338 17.17 -17.89 3.96
N GLU A 339 18.32 -18.47 3.59
CA GLU A 339 19.53 -18.27 4.38
C GLU A 339 20.09 -16.86 4.21
N TYR A 340 19.98 -16.29 3.02
CA TYR A 340 20.45 -14.93 2.81
C TYR A 340 19.53 -13.90 3.46
N ALA A 341 18.22 -14.16 3.46
CA ALA A 341 17.29 -13.17 4.00
C ALA A 341 17.32 -13.14 5.52
N ARG A 342 17.38 -14.30 6.17
CA ARG A 342 17.40 -14.34 7.63
C ARG A 342 18.62 -13.62 8.19
N ARG A 343 19.71 -13.57 7.43
CA ARG A 343 20.94 -12.93 7.86
C ARG A 343 20.98 -11.44 7.55
N HIS A 344 20.11 -10.95 6.67
CA HIS A 344 20.10 -9.54 6.26
C HIS A 344 18.69 -8.98 6.36
N PRO A 345 18.21 -8.72 7.59
CA PRO A 345 16.96 -7.97 7.75
C PRO A 345 17.08 -6.51 7.36
N ASP A 346 18.30 -6.02 7.12
CA ASP A 346 18.51 -4.65 6.67
C ASP A 346 18.29 -4.50 5.18
N TYR A 347 18.35 -5.58 4.42
CA TYR A 347 18.09 -5.50 2.99
C TYR A 347 16.60 -5.37 2.74
N SER A 348 16.28 -4.80 1.58
CA SER A 348 14.91 -4.83 1.09
C SER A 348 14.58 -6.22 0.55
N VAL A 349 13.28 -6.51 0.44
CA VAL A 349 12.89 -7.80 -0.09
C VAL A 349 13.27 -7.91 -1.56
N VAL A 350 13.17 -6.80 -2.31
CA VAL A 350 13.50 -6.84 -3.72
C VAL A 350 15.01 -6.99 -3.93
N LEU A 351 15.83 -6.43 -3.04
CA LEU A 351 17.26 -6.63 -3.15
C LEU A 351 17.62 -8.10 -3.01
N LEU A 352 17.06 -8.77 -2.00
CA LEU A 352 17.34 -10.19 -1.81
C LEU A 352 16.87 -11.01 -3.01
N LEU A 353 15.82 -10.55 -3.70
CA LEU A 353 15.37 -11.26 -4.90
C LEU A 353 16.31 -11.00 -6.08
N ARG A 354 16.98 -9.84 -6.11
CA ARG A 354 17.98 -9.60 -7.14
C ARG A 354 19.20 -10.48 -6.92
N LEU A 355 19.62 -10.65 -5.66
CA LEU A 355 20.75 -11.53 -5.37
C LEU A 355 20.42 -12.97 -5.73
N ALA A 356 19.20 -13.41 -5.43
CA ALA A 356 18.80 -14.78 -5.75
C ALA A 356 18.69 -14.98 -7.25
N LYS A 357 18.05 -14.04 -7.95
CA LYS A 357 17.94 -14.15 -9.40
C LYS A 357 19.31 -14.11 -10.07
N THR A 358 20.22 -13.29 -9.53
CA THR A 358 21.60 -13.30 -10.03
C THR A 358 22.27 -14.62 -9.70
N TYR A 359 22.07 -15.12 -8.48
CA TYR A 359 22.59 -16.44 -8.14
C TYR A 359 21.92 -17.54 -8.95
N GLU A 360 20.67 -17.32 -9.39
CA GLU A 360 19.99 -18.29 -10.24
C GLU A 360 20.61 -18.31 -11.63
N THR A 361 20.67 -17.16 -12.30
CA THR A 361 21.22 -17.10 -13.64
C THR A 361 22.67 -17.55 -13.68
N THR A 362 23.40 -17.38 -12.58
CA THR A 362 24.77 -17.85 -12.52
C THR A 362 24.84 -19.37 -12.56
N LEU A 363 24.04 -20.05 -11.73
CA LEU A 363 24.12 -21.51 -11.64
C LEU A 363 23.76 -22.16 -12.97
N GLU A 364 22.77 -21.62 -13.68
CA GLU A 364 22.40 -22.23 -14.96
C GLU A 364 23.48 -22.04 -16.00
N LYS A 365 24.28 -20.98 -15.90
CA LYS A 365 25.42 -20.85 -16.80
C LYS A 365 26.62 -21.65 -16.34
N CYS A 366 26.71 -21.93 -15.04
CA CYS A 366 27.84 -22.70 -14.53
C CYS A 366 27.57 -24.20 -14.63
N CYS A 367 26.39 -24.65 -14.18
CA CYS A 367 26.05 -26.06 -14.30
C CYS A 367 25.96 -26.51 -15.74
N ALA A 368 25.80 -25.59 -16.68
CA ALA A 368 25.95 -25.87 -18.10
C ALA A 368 27.38 -25.66 -18.58
N ALA A 369 28.37 -26.00 -17.75
CA ALA A 369 29.78 -25.90 -18.13
C ALA A 369 30.51 -27.15 -17.67
N ALA A 370 31.67 -27.37 -18.27
CA ALA A 370 32.44 -28.59 -17.97
C ALA A 370 32.92 -28.60 -16.53
N ASP A 371 33.37 -27.45 -16.02
CA ASP A 371 33.78 -27.29 -14.62
C ASP A 371 32.86 -26.26 -13.99
N PRO A 372 31.66 -26.66 -13.57
CA PRO A 372 30.74 -25.67 -12.98
C PRO A 372 31.33 -24.95 -11.78
N HIS A 373 32.10 -25.66 -10.94
CA HIS A 373 32.68 -25.04 -9.76
C HIS A 373 33.57 -23.85 -10.13
N GLU A 374 34.35 -23.98 -11.20
CA GLU A 374 35.21 -22.87 -11.61
C GLU A 374 34.40 -21.67 -12.09
N CYS A 375 33.19 -21.92 -12.63
CA CYS A 375 32.38 -20.82 -13.15
C CYS A 375 31.76 -20.00 -12.02
N TYR A 376 31.35 -20.66 -10.93
CA TYR A 376 30.68 -19.99 -9.83
C TYR A 376 31.59 -19.78 -8.62
N ALA A 377 32.91 -19.88 -8.81
CA ALA A 377 33.84 -19.80 -7.69
C ALA A 377 33.78 -18.45 -6.97
N LYS A 378 33.38 -17.39 -7.67
CA LYS A 378 33.30 -16.05 -7.09
C LYS A 378 31.95 -15.41 -7.47
N VAL A 379 30.87 -16.06 -7.05
CA VAL A 379 29.53 -15.53 -7.31
C VAL A 379 29.17 -14.40 -6.37
N PHE A 380 29.69 -14.42 -5.15
CA PHE A 380 29.35 -13.41 -4.16
C PHE A 380 29.98 -12.06 -4.47
N ASP A 381 30.99 -12.01 -5.34
CA ASP A 381 31.47 -10.72 -5.84
C ASP A 381 30.43 -10.02 -6.69
N GLU A 382 29.48 -10.76 -7.26
CA GLU A 382 28.43 -10.15 -8.07
C GLU A 382 27.43 -9.40 -7.22
N PHE A 383 27.29 -9.77 -5.95
CA PHE A 383 26.27 -9.18 -5.10
C PHE A 383 26.65 -7.79 -4.61
N LYS A 384 27.94 -7.51 -4.47
CA LYS A 384 28.37 -6.23 -3.92
C LYS A 384 27.85 -5.03 -4.71
N PRO A 385 27.92 -4.99 -6.05
CA PRO A 385 27.34 -3.83 -6.75
C PRO A 385 25.84 -3.70 -6.52
N LEU A 386 25.13 -4.81 -6.44
CA LEU A 386 23.68 -4.75 -6.28
C LEU A 386 23.28 -4.29 -4.88
N VAL A 387 24.04 -4.67 -3.86
CA VAL A 387 23.73 -4.22 -2.50
C VAL A 387 24.08 -2.75 -2.34
N GLU A 388 25.16 -2.30 -2.98
CA GLU A 388 25.64 -0.93 -2.81
C GLU A 388 24.82 0.07 -3.62
N GLU A 389 24.05 -0.39 -4.61
CA GLU A 389 23.27 0.55 -5.42
C GLU A 389 22.16 1.22 -4.63
N PRO A 390 21.30 0.49 -3.90
CA PRO A 390 20.31 1.20 -3.07
C PRO A 390 20.94 1.87 -1.87
N GLN A 391 22.03 1.33 -1.33
CA GLN A 391 22.68 1.95 -0.18
C GLN A 391 23.23 3.33 -0.55
N ASN A 392 23.87 3.45 -1.71
CA ASN A 392 24.37 4.76 -2.12
C ASN A 392 23.21 5.70 -2.44
N LEU A 393 22.13 5.18 -3.02
CA LEU A 393 20.99 6.02 -3.34
C LEU A 393 20.30 6.54 -2.08
N ILE A 394 20.23 5.70 -1.04
CA ILE A 394 19.60 6.13 0.20
C ILE A 394 20.47 7.16 0.91
N LYS A 395 21.78 6.92 0.97
CA LYS A 395 22.66 7.83 1.69
C LYS A 395 22.80 9.16 0.96
N GLN A 396 22.89 9.12 -0.37
CA GLN A 396 23.01 10.36 -1.13
C GLN A 396 21.73 11.19 -1.07
N ASN A 397 20.58 10.54 -0.93
CA ASN A 397 19.31 11.27 -0.86
C ASN A 397 18.91 11.66 0.55
N CYS A 398 19.25 10.85 1.55
CA CYS A 398 18.98 11.26 2.93
C CYS A 398 19.88 12.42 3.33
N GLU A 399 21.12 12.43 2.87
CA GLU A 399 22.00 13.57 3.16
C GLU A 399 21.51 14.84 2.49
N LEU A 400 21.07 14.73 1.23
CA LEU A 400 20.47 15.88 0.56
C LEU A 400 19.17 16.32 1.22
N PHE A 401 18.51 15.41 1.94
CA PHE A 401 17.30 15.78 2.67
C PHE A 401 17.63 16.55 3.94
N GLU A 402 18.73 16.19 4.61
CA GLU A 402 19.09 16.86 5.87
C GLU A 402 19.45 18.32 5.63
N GLN A 403 20.17 18.60 4.55
CA GLN A 403 20.60 19.95 4.22
C GLN A 403 19.58 20.70 3.38
N LEU A 404 18.30 20.32 3.45
CA LEU A 404 17.26 20.98 2.68
C LEU A 404 15.91 21.08 3.38
N GLY A 405 15.58 20.18 4.30
CA GLY A 405 14.23 20.11 4.83
C GLY A 405 13.30 19.42 3.86
N GLU A 406 12.12 19.03 4.37
CA GLU A 406 11.21 18.26 3.55
C GLU A 406 10.77 19.04 2.31
N TYR A 407 10.43 20.32 2.48
CA TYR A 407 9.89 21.10 1.37
C TYR A 407 10.92 21.24 0.26
N LYS A 408 12.08 21.84 0.57
CA LYS A 408 13.10 22.04 -0.46
C LYS A 408 13.63 20.72 -1.01
N PHE A 409 13.49 19.62 -0.27
CA PHE A 409 13.82 18.31 -0.82
C PHE A 409 12.79 17.88 -1.85
N GLN A 410 11.52 18.22 -1.62
CA GLN A 410 10.48 17.89 -2.60
C GLN A 410 10.68 18.68 -3.89
N ASN A 411 11.11 19.93 -3.78
CA ASN A 411 11.33 20.74 -4.98
C ASN A 411 12.54 20.24 -5.77
N ALA A 412 13.56 19.73 -5.09
CA ALA A 412 14.68 19.12 -5.80
C ALA A 412 14.25 17.86 -6.54
N LEU A 413 13.23 17.17 -6.04
CA LEU A 413 12.72 15.99 -6.74
C LEU A 413 11.83 16.38 -7.91
N LEU A 414 11.04 17.45 -7.78
CA LEU A 414 10.25 17.94 -8.90
C LEU A 414 11.14 18.21 -10.12
N VAL A 415 12.17 19.04 -9.93
CA VAL A 415 13.06 19.39 -11.04
C VAL A 415 13.72 18.13 -11.61
N ARG A 416 14.14 17.22 -10.75
CA ARG A 416 14.89 16.06 -11.21
C ARG A 416 14.01 15.11 -12.02
N TYR A 417 12.74 14.97 -11.63
CA TYR A 417 11.86 14.00 -12.28
C TYR A 417 11.07 14.59 -13.43
N THR A 418 10.80 15.90 -13.41
CA THR A 418 10.21 16.54 -14.58
C THR A 418 11.18 16.53 -15.75
N LYS A 419 12.47 16.74 -15.48
CA LYS A 419 13.47 16.67 -16.54
C LYS A 419 13.66 15.26 -17.07
N LYS A 420 13.33 14.24 -16.27
CA LYS A 420 13.40 12.85 -16.73
C LYS A 420 12.22 12.51 -17.64
N VAL A 421 11.00 12.81 -17.19
CA VAL A 421 9.80 12.54 -17.98
C VAL A 421 8.92 13.79 -17.97
N PRO A 422 9.20 14.77 -18.84
CA PRO A 422 8.40 16.00 -18.83
C PRO A 422 7.00 15.81 -19.35
N GLN A 423 6.74 14.72 -20.09
CA GLN A 423 5.41 14.50 -20.65
C GLN A 423 4.37 14.22 -19.57
N VAL A 424 4.79 13.79 -18.38
CA VAL A 424 3.85 13.48 -17.31
C VAL A 424 3.09 14.74 -16.93
N SER A 425 1.81 14.57 -16.59
CA SER A 425 0.97 15.71 -16.24
C SER A 425 1.53 16.43 -15.03
N THR A 426 1.25 17.73 -14.96
CA THR A 426 1.73 18.52 -13.84
C THR A 426 1.15 18.07 -12.49
N PRO A 427 -0.15 17.79 -12.35
CA PRO A 427 -0.65 17.34 -11.04
C PRO A 427 -0.05 16.02 -10.57
N THR A 428 0.34 15.13 -11.49
CA THR A 428 0.96 13.87 -11.11
C THR A 428 2.41 14.09 -10.68
N LEU A 429 3.14 14.96 -11.37
CA LEU A 429 4.51 15.24 -10.98
C LEU A 429 4.57 15.91 -9.60
N VAL A 430 3.62 16.78 -9.30
CA VAL A 430 3.58 17.41 -7.98
C VAL A 430 3.23 16.40 -6.90
N GLU A 431 2.25 15.53 -7.19
CA GLU A 431 1.82 14.54 -6.19
C GLU A 431 2.93 13.54 -5.90
N VAL A 432 3.55 12.97 -6.94
CA VAL A 432 4.53 11.91 -6.74
C VAL A 432 5.76 12.46 -6.03
N SER A 433 6.21 13.66 -6.40
CA SER A 433 7.42 14.21 -5.80
C SER A 433 7.23 14.55 -4.33
N ARG A 434 6.05 15.06 -3.96
CA ARG A 434 5.80 15.36 -2.55
C ARG A 434 5.73 14.08 -1.72
N ASN A 435 5.22 12.99 -2.29
CA ASN A 435 5.21 11.72 -1.58
C ASN A 435 6.61 11.12 -1.49
N LEU A 436 7.44 11.32 -2.53
CA LEU A 436 8.81 10.84 -2.45
C LEU A 436 9.62 11.63 -1.43
N GLY A 437 9.29 12.90 -1.21
CA GLY A 437 9.91 13.63 -0.13
C GLY A 437 9.45 13.16 1.23
N LYS A 438 8.23 12.61 1.30
CA LYS A 438 7.73 12.12 2.58
C LYS A 438 8.48 10.88 3.04
N VAL A 439 8.87 10.00 2.10
CA VAL A 439 9.64 8.82 2.48
C VAL A 439 11.04 9.21 2.96
N GLY A 440 11.48 10.44 2.69
CA GLY A 440 12.71 10.93 3.25
C GLY A 440 12.52 11.37 4.68
N SER A 441 11.41 12.07 4.93
CA SER A 441 11.06 12.51 6.28
C SER A 441 10.69 11.37 7.21
N LYS A 442 10.41 10.19 6.65
CA LYS A 442 10.02 9.03 7.45
C LYS A 442 11.15 8.05 7.68
N CYS A 443 11.95 7.79 6.65
CA CYS A 443 12.96 6.73 6.71
C CYS A 443 14.35 7.24 7.02
N CYS A 444 14.68 8.48 6.67
CA CYS A 444 15.99 9.01 7.02
C CYS A 444 16.14 9.27 8.51
N LYS A 445 15.05 9.20 9.27
CA LYS A 445 15.09 9.23 10.73
C LYS A 445 15.46 7.88 11.33
N HIS A 446 15.59 6.84 10.51
CA HIS A 446 16.08 5.53 10.92
C HIS A 446 17.58 5.43 10.69
N PRO A 447 18.25 4.54 11.41
CA PRO A 447 19.64 4.23 11.09
C PRO A 447 19.72 3.43 9.80
N GLU A 448 20.95 3.29 9.28
CA GLU A 448 21.16 2.56 8.04
C GLU A 448 20.69 1.11 8.13
N ALA A 449 20.59 0.55 9.33
CA ALA A 449 20.15 -0.84 9.46
C ALA A 449 18.68 -1.01 9.13
N LYS A 450 17.89 0.06 9.18
CA LYS A 450 16.44 -0.05 8.96
C LYS A 450 15.95 0.94 7.91
N ARG A 451 16.85 1.49 7.09
CA ARG A 451 16.45 2.46 6.08
C ARG A 451 15.97 1.82 4.79
N MET A 452 16.65 0.78 4.32
CA MET A 452 16.26 0.16 3.06
C MET A 452 14.86 -0.47 3.11
N PRO A 453 14.48 -1.22 4.15
CA PRO A 453 13.10 -1.73 4.16
C PRO A 453 12.06 -0.62 4.26
N CYS A 454 12.33 0.41 5.08
CA CYS A 454 11.41 1.54 5.17
C CYS A 454 11.22 2.19 3.81
N ALA A 455 12.32 2.41 3.07
CA ALA A 455 12.20 2.98 1.75
C ALA A 455 11.44 2.06 0.80
N GLU A 456 11.76 0.76 0.84
CA GLU A 456 11.11 -0.19 -0.06
C GLU A 456 9.59 -0.20 0.13
N ASP A 457 9.12 -0.21 1.39
CA ASP A 457 7.69 -0.28 1.62
C ASP A 457 6.99 1.00 1.18
N TYR A 458 7.58 2.16 1.50
CA TYR A 458 6.94 3.43 1.16
C TYR A 458 7.08 3.77 -0.33
N LEU A 459 8.22 3.43 -0.94
CA LEU A 459 8.38 3.68 -2.37
C LEU A 459 7.42 2.81 -3.18
N SER A 460 7.23 1.56 -2.75
CA SER A 460 6.31 0.66 -3.46
C SER A 460 4.90 1.23 -3.49
N VAL A 461 4.52 2.01 -2.48
CA VAL A 461 3.21 2.65 -2.48
C VAL A 461 3.17 3.79 -3.50
N VAL A 462 4.21 4.64 -3.49
CA VAL A 462 4.22 5.81 -4.36
C VAL A 462 4.47 5.40 -5.81
N LEU A 463 5.41 4.49 -6.04
CA LEU A 463 5.70 4.07 -7.41
C LEU A 463 4.50 3.36 -8.03
N ASN A 464 3.73 2.62 -7.23
CA ASN A 464 2.54 1.98 -7.77
C ASN A 464 1.44 3.00 -8.04
N GLN A 465 1.27 3.96 -7.12
CA GLN A 465 0.30 5.04 -7.35
C GLN A 465 0.61 5.80 -8.63
N LEU A 466 1.89 6.06 -8.89
CA LEU A 466 2.27 6.68 -10.14
C LEU A 466 1.93 5.80 -11.34
N CYS A 467 2.02 4.48 -11.17
CA CYS A 467 1.77 3.57 -12.29
C CYS A 467 0.28 3.47 -12.60
N VAL A 468 -0.56 3.34 -11.57
CA VAL A 468 -1.99 3.20 -11.82
C VAL A 468 -2.57 4.49 -12.40
N LEU A 469 -2.00 5.65 -12.01
CA LEU A 469 -2.40 6.90 -12.65
C LEU A 469 -1.92 6.95 -14.09
N HIS A 470 -0.71 6.46 -14.35
CA HIS A 470 -0.18 6.45 -15.70
C HIS A 470 -0.80 5.34 -16.55
N GLU A 471 -1.27 4.27 -15.91
CA GLU A 471 -1.90 3.19 -16.68
C GLU A 471 -3.24 3.63 -17.25
N LYS A 472 -4.02 4.38 -16.46
CA LYS A 472 -5.32 4.84 -16.94
C LYS A 472 -5.18 5.90 -18.02
N THR A 473 -4.06 6.62 -18.03
CA THR A 473 -3.80 7.65 -19.05
C THR A 473 -2.33 7.58 -19.45
N PRO A 474 -1.99 6.70 -20.39
CA PRO A 474 -0.59 6.57 -20.80
C PRO A 474 -0.07 7.85 -21.43
N VAL A 475 1.22 8.10 -21.23
CA VAL A 475 1.82 9.37 -21.62
C VAL A 475 3.27 9.17 -22.04
N SER A 476 4.02 8.37 -21.28
CA SER A 476 5.43 8.14 -21.54
C SER A 476 5.70 6.65 -21.71
N ASP A 477 6.45 6.30 -22.76
CA ASP A 477 6.80 4.90 -22.98
C ASP A 477 7.76 4.39 -21.90
N ARG A 478 8.65 5.24 -21.41
CA ARG A 478 9.63 4.82 -20.42
C ARG A 478 8.99 4.61 -19.06
N VAL A 479 7.94 5.38 -18.74
CA VAL A 479 7.17 5.10 -17.55
C VAL A 479 6.39 3.80 -17.72
N THR A 480 5.89 3.55 -18.92
CA THR A 480 5.15 2.32 -19.18
C THR A 480 6.04 1.10 -19.03
N LYS A 481 7.28 1.17 -19.52
CA LYS A 481 8.19 0.03 -19.41
C LYS A 481 8.54 -0.25 -17.96
N CYS A 482 8.88 0.80 -17.20
CA CYS A 482 9.26 0.64 -15.81
C CYS A 482 8.08 0.21 -14.94
N CYS A 483 6.86 0.58 -15.32
CA CYS A 483 5.66 0.21 -14.58
C CYS A 483 5.16 -1.20 -14.89
N THR A 484 5.59 -1.78 -16.01
CA THR A 484 5.18 -3.13 -16.38
C THR A 484 6.37 -4.08 -16.51
N GLU A 485 7.56 -3.66 -16.10
CA GLU A 485 8.75 -4.50 -16.19
C GLU A 485 8.64 -5.70 -15.26
N SER A 486 8.84 -5.45 -13.97
CA SER A 486 8.81 -6.45 -12.92
C SER A 486 8.90 -5.70 -11.58
N LEU A 487 8.20 -6.22 -10.58
CA LEU A 487 8.19 -5.57 -9.28
C LEU A 487 9.55 -5.62 -8.59
N VAL A 488 10.44 -6.52 -9.02
CA VAL A 488 11.79 -6.56 -8.46
C VAL A 488 12.68 -5.50 -9.11
N ASN A 489 12.56 -5.32 -10.43
CA ASN A 489 13.37 -4.36 -11.17
C ASN A 489 12.64 -3.05 -11.43
N ARG A 490 11.51 -2.82 -10.77
CA ARG A 490 10.73 -1.59 -10.99
C ARG A 490 11.49 -0.36 -10.48
N ARG A 491 12.00 -0.42 -9.25
CA ARG A 491 12.71 0.74 -8.71
C ARG A 491 14.00 1.02 -9.45
N PRO A 492 14.90 0.04 -9.68
CA PRO A 492 16.09 0.33 -10.48
C PRO A 492 15.76 0.84 -11.88
N CYS A 493 14.59 0.50 -12.43
CA CYS A 493 14.19 1.02 -13.74
C CYS A 493 13.95 2.52 -13.67
N PHE A 494 13.20 2.97 -12.66
CA PHE A 494 12.88 4.40 -12.55
C PHE A 494 14.12 5.22 -12.21
N SER A 495 15.01 4.67 -11.39
CA SER A 495 16.23 5.38 -11.04
C SER A 495 17.24 5.43 -12.18
N ALA A 496 17.10 4.56 -13.17
CA ALA A 496 17.99 4.54 -14.32
C ALA A 496 17.53 5.44 -15.46
N LEU A 497 16.41 6.15 -15.28
CA LEU A 497 15.92 7.07 -16.31
C LEU A 497 16.85 8.26 -16.41
N GLU A 498 17.45 8.45 -17.59
CA GLU A 498 18.17 9.68 -17.86
C GLU A 498 17.17 10.78 -18.22
N VAL A 499 17.66 12.02 -18.25
CA VAL A 499 16.80 13.14 -18.60
C VAL A 499 16.38 13.03 -20.06
N ASP A 500 15.20 13.54 -20.37
CA ASP A 500 14.62 13.38 -21.70
C ASP A 500 15.28 14.36 -22.66
N GLU A 501 15.93 13.83 -23.70
CA GLU A 501 16.59 14.65 -24.70
C GLU A 501 15.74 14.89 -25.94
N THR A 502 14.84 13.97 -26.26
CA THR A 502 13.94 14.11 -27.40
C THR A 502 12.71 14.95 -27.08
N TYR A 503 12.64 15.52 -25.88
CA TYR A 503 11.49 16.31 -25.47
C TYR A 503 11.59 17.72 -26.02
N VAL A 504 10.51 18.18 -26.65
CA VAL A 504 10.43 19.55 -27.16
C VAL A 504 9.87 20.42 -26.04
N PRO A 505 10.47 21.58 -25.77
CA PRO A 505 10.00 22.41 -24.66
C PRO A 505 8.54 22.82 -24.80
N LYS A 506 7.86 22.89 -23.66
CA LYS A 506 6.45 23.28 -23.64
C LYS A 506 6.32 24.76 -23.98
N GLU A 507 5.20 25.10 -24.64
CA GLU A 507 4.95 26.47 -25.05
C GLU A 507 4.66 27.36 -23.85
N PHE A 508 5.12 28.60 -23.91
CA PHE A 508 4.93 29.54 -22.82
C PHE A 508 3.46 29.95 -22.69
N ASN A 509 2.72 29.25 -21.84
CA ASN A 509 1.36 29.66 -21.50
C ASN A 509 1.46 30.82 -20.50
N ALA A 510 1.08 32.02 -20.95
CA ALA A 510 1.34 33.22 -20.15
C ALA A 510 0.64 33.16 -18.80
N GLU A 511 -0.63 32.76 -18.78
CA GLU A 511 -1.39 32.77 -17.53
C GLU A 511 -0.86 31.76 -16.52
N THR A 512 -0.18 30.71 -16.98
CA THR A 512 0.32 29.69 -16.06
C THR A 512 1.27 30.29 -15.03
N PHE A 513 2.10 31.25 -15.44
CA PHE A 513 3.05 31.90 -14.55
C PHE A 513 2.46 33.14 -13.87
N THR A 514 1.17 33.39 -14.00
CA THR A 514 0.54 34.55 -13.39
C THR A 514 -0.02 34.18 -12.03
N PHE A 515 0.30 34.99 -11.03
CA PHE A 515 -0.18 34.81 -9.67
C PHE A 515 -1.01 36.02 -9.27
N HIS A 516 -1.82 35.86 -8.21
CA HIS A 516 -2.86 36.84 -7.96
C HIS A 516 -3.02 37.22 -6.50
N ALA A 517 -2.02 36.95 -5.66
CA ALA A 517 -2.00 37.40 -4.27
C ALA A 517 -3.09 36.73 -3.43
N ASP A 518 -3.91 35.88 -4.05
CA ASP A 518 -4.78 35.01 -3.28
C ASP A 518 -4.00 33.92 -2.58
N ILE A 519 -2.80 33.61 -3.11
CA ILE A 519 -1.90 32.64 -2.49
C ILE A 519 -1.25 33.19 -1.22
N CYS A 520 -1.45 34.47 -0.90
CA CYS A 520 -0.84 35.03 0.30
C CYS A 520 -1.44 34.42 1.57
N THR A 521 -2.76 34.37 1.66
CA THR A 521 -3.48 33.75 2.77
C THR A 521 -4.28 32.61 2.17
N LEU A 522 -3.69 31.41 2.17
CA LEU A 522 -4.26 30.28 1.46
C LEU A 522 -4.32 29.04 2.35
N SER A 523 -3.19 28.33 2.42
CA SER A 523 -3.03 27.12 3.23
C SER A 523 -1.59 26.68 3.06
N GLU A 524 -0.91 26.33 4.16
CA GLU A 524 0.53 26.04 4.08
C GLU A 524 0.81 24.97 3.03
N LYS A 525 -0.05 23.95 2.94
CA LYS A 525 0.08 22.98 1.87
C LYS A 525 -0.31 23.58 0.53
N GLU A 526 -1.53 24.14 0.45
CA GLU A 526 -2.03 24.64 -0.82
C GLU A 526 -1.18 25.78 -1.38
N ARG A 527 -0.61 26.61 -0.49
CA ARG A 527 0.23 27.70 -0.96
C ARG A 527 1.48 27.17 -1.66
N GLN A 528 2.08 26.11 -1.14
CA GLN A 528 3.24 25.50 -1.78
C GLN A 528 2.87 24.47 -2.83
N ILE A 529 1.64 23.95 -2.81
CA ILE A 529 1.16 23.16 -3.94
C ILE A 529 1.22 23.99 -5.21
N LYS A 530 0.71 25.22 -5.15
CA LYS A 530 0.79 26.11 -6.31
C LYS A 530 2.21 26.64 -6.51
N LYS A 531 2.98 26.77 -5.44
CA LYS A 531 4.38 27.16 -5.59
C LYS A 531 5.19 26.05 -6.25
N GLN A 532 4.79 24.79 -6.05
CA GLN A 532 5.44 23.67 -6.70
C GLN A 532 4.82 23.34 -8.06
N THR A 533 3.55 23.69 -8.26
CA THR A 533 2.93 23.51 -9.57
C THR A 533 3.60 24.41 -10.60
N ALA A 534 3.82 25.68 -10.26
CA ALA A 534 4.50 26.59 -11.17
C ALA A 534 5.94 26.17 -11.43
N LEU A 535 6.61 25.61 -10.41
CA LEU A 535 7.98 25.13 -10.60
C LEU A 535 8.04 24.02 -11.64
N VAL A 536 7.03 23.13 -11.63
CA VAL A 536 6.96 22.10 -12.67
C VAL A 536 6.76 22.73 -14.03
N GLU A 537 5.79 23.65 -14.14
CA GLU A 537 5.55 24.33 -15.40
C GLU A 537 6.75 25.16 -15.83
N LEU A 538 7.54 25.65 -14.87
CA LEU A 538 8.77 26.36 -15.20
C LEU A 538 9.77 25.41 -15.86
N VAL A 539 9.92 24.20 -15.31
CA VAL A 539 10.88 23.25 -15.87
C VAL A 539 10.40 22.73 -17.22
N LYS A 540 9.09 22.53 -17.38
CA LYS A 540 8.57 22.07 -18.66
C LYS A 540 8.83 23.07 -19.77
N HIS A 541 8.67 24.36 -19.47
CA HIS A 541 8.88 25.40 -20.49
C HIS A 541 10.35 25.47 -20.89
N LYS A 542 11.25 25.57 -19.91
CA LYS A 542 12.69 25.65 -20.15
C LYS A 542 13.36 24.44 -19.51
N PRO A 543 13.42 23.30 -20.21
CA PRO A 543 13.98 22.08 -19.61
C PRO A 543 15.49 22.06 -19.56
N LYS A 544 16.17 23.12 -19.99
CA LYS A 544 17.63 23.19 -20.03
C LYS A 544 18.15 24.31 -19.14
N ALA A 545 17.54 24.48 -17.97
CA ALA A 545 17.85 25.62 -17.10
C ALA A 545 18.96 25.33 -16.10
N THR A 546 19.10 24.08 -15.67
CA THR A 546 20.08 23.68 -14.65
C THR A 546 19.78 24.31 -13.30
N LYS A 547 20.43 23.81 -12.24
CA LYS A 547 20.07 24.18 -10.88
C LYS A 547 20.40 25.64 -10.58
N GLU A 548 21.52 26.14 -11.13
CA GLU A 548 21.94 27.50 -10.84
C GLU A 548 20.88 28.51 -11.29
N GLN A 549 20.47 28.43 -12.55
CA GLN A 549 19.45 29.35 -13.04
C GLN A 549 18.10 29.09 -12.38
N LEU A 550 17.80 27.82 -12.07
CA LEU A 550 16.53 27.51 -11.41
C LEU A 550 16.51 28.02 -9.98
N LYS A 551 17.64 27.92 -9.28
CA LYS A 551 17.72 28.48 -7.93
C LYS A 551 17.65 30.01 -7.96
N ALA A 552 18.06 30.62 -9.08
CA ALA A 552 17.97 32.06 -9.21
C ALA A 552 16.52 32.51 -9.39
N VAL A 553 15.80 31.85 -10.28
CA VAL A 553 14.39 32.18 -10.49
C VAL A 553 13.58 31.83 -9.24
N MET A 554 13.93 30.74 -8.56
CA MET A 554 13.26 30.41 -7.31
C MET A 554 13.54 31.45 -6.24
N ASP A 555 14.76 31.99 -6.21
CA ASP A 555 15.07 33.05 -5.26
C ASP A 555 14.38 34.35 -5.63
N ASP A 556 14.30 34.64 -6.94
CA ASP A 556 13.57 35.83 -7.39
C ASP A 556 12.08 35.72 -7.11
N PHE A 557 11.53 34.52 -7.17
CA PHE A 557 10.12 34.34 -6.85
C PHE A 557 9.86 34.51 -5.36
N ALA A 558 10.81 34.07 -4.53
CA ALA A 558 10.62 34.16 -3.08
C ALA A 558 10.52 35.62 -2.64
N ALA A 559 11.36 36.49 -3.22
CA ALA A 559 11.29 37.90 -2.87
C ALA A 559 10.06 38.57 -3.48
N PHE A 560 9.59 38.06 -4.62
CA PHE A 560 8.39 38.62 -5.27
C PHE A 560 7.12 38.20 -4.54
N VAL A 561 7.10 37.02 -3.94
CA VAL A 561 5.90 36.54 -3.25
C VAL A 561 5.84 36.99 -1.81
N GLU A 562 6.97 37.00 -1.09
CA GLU A 562 6.95 37.38 0.32
C GLU A 562 6.66 38.86 0.50
N LYS A 563 7.21 39.71 -0.37
CA LYS A 563 7.02 41.14 -0.24
C LYS A 563 5.63 41.56 -0.72
N CYS A 564 5.33 41.29 -2.00
CA CYS A 564 4.06 41.71 -2.59
C CYS A 564 2.95 40.75 -2.17
N CYS A 565 2.56 40.86 -0.91
CA CYS A 565 1.49 40.05 -0.36
C CYS A 565 0.74 40.81 0.75
N THR A 572 -3.02 42.70 -6.62
CA THR A 572 -2.31 43.90 -6.20
C THR A 572 -1.05 44.10 -7.02
N CYS A 573 0.10 43.87 -6.39
CA CYS A 573 1.38 43.98 -7.08
C CYS A 573 1.71 42.73 -7.90
N PHE A 574 1.00 41.62 -7.67
CA PHE A 574 1.29 40.37 -8.37
C PHE A 574 1.28 40.55 -9.89
N ALA A 575 0.50 41.49 -10.40
CA ALA A 575 0.55 41.80 -11.83
C ALA A 575 1.67 42.80 -12.13
N GLU A 576 2.03 43.66 -11.17
CA GLU A 576 3.08 44.65 -11.37
C GLU A 576 4.44 43.99 -11.43
N GLU A 577 4.91 43.47 -10.29
CA GLU A 577 6.21 42.80 -10.25
C GLU A 577 6.20 41.47 -11.00
N GLY A 578 5.02 40.89 -11.23
CA GLY A 578 4.97 39.62 -11.94
C GLY A 578 5.47 39.71 -13.36
N LYS A 579 5.07 40.77 -14.07
CA LYS A 579 5.49 40.93 -15.46
C LYS A 579 7.00 41.11 -15.56
N LYS A 580 7.60 41.79 -14.59
CA LYS A 580 9.06 41.95 -14.59
C LYS A 580 9.76 40.62 -14.39
N LEU A 581 9.19 39.73 -13.57
CA LEU A 581 9.81 38.44 -13.34
C LEU A 581 9.80 37.58 -14.60
N VAL A 582 8.66 37.52 -15.29
CA VAL A 582 8.54 36.66 -16.47
C VAL A 582 9.55 37.08 -17.53
N ALA A 583 9.64 38.39 -17.79
CA ALA A 583 10.58 38.87 -18.79
C ALA A 583 12.03 38.67 -18.34
N ALA A 584 12.29 38.88 -17.04
CA ALA A 584 13.65 38.69 -16.54
C ALA A 584 14.05 37.22 -16.55
N SER A 585 13.13 36.32 -16.19
CA SER A 585 13.43 34.90 -16.18
C SER A 585 13.77 34.38 -17.57
N GLN A 586 13.21 35.00 -18.61
CA GLN A 586 13.56 34.65 -19.98
C GLN A 586 15.04 34.91 -20.22
N ALA A 587 15.87 33.93 -19.86
CA ALA A 587 17.32 34.04 -20.02
C ALA A 587 17.96 32.66 -19.89
#